data_1VYU
#
_entry.id   1VYU
#
_cell.length_a   57.300
_cell.length_b   66.400
_cell.length_c   90.000
_cell.angle_alpha   90.00
_cell.angle_beta   103.10
_cell.angle_gamma   90.00
#
_symmetry.space_group_name_H-M   'P 1 21 1'
#
loop_
_entity.id
_entity.type
_entity.pdbx_description
1 polymer 'CALCIUM CHANNEL BETA-3 SUBUNIT'
2 water water
#
_entity_poly.entity_id   1
_entity_poly.type   'polypeptide(L)'
_entity_poly.pdbx_seq_one_letter_code
;GSADSYTSRPSLDSDVSLEEDRESARREVESQAQQQLERAKHKPVAFAVRTNVSYCGVLDEECPVQGSGVNFEAKDFLHI
KEKYSNDWWIGRLVKEGGDIAFIPSPQRLESIRLKQEQKARRSGNPSSLSDIGNRRSPPPSLAKQKQKQAEHVPPYDVVP
S(MSE)RPVVLVGPSLKGYEVTD(MSE)(MSE)QKALFDFLKHRFDGRISITRVTADLSLAKRSVLNNPGKRTIIERSSA
RSSIAEVQSEIERIFELAKSLQLVVLDADTINHPAQLAKTSLAPIIVFVKVSSPKVLQRLIRSRGKSQ(MSE)KHLTVQ
(MSE)(MSE)AYDKLVQCPPESFDVILDENQLDDACEHLAEYLEVYWRATHHPAPG
;
_entity_poly.pdbx_strand_id   A,B
#
# COMPACT_ATOMS: atom_id res chain seq x y z
N SER A 24 -16.47 51.48 0.12
CA SER A 24 -15.30 51.11 -0.73
C SER A 24 -15.54 51.52 -2.18
N ALA A 25 -14.49 52.08 -2.80
CA ALA A 25 -14.57 52.51 -4.19
C ALA A 25 -14.64 51.28 -5.10
N ARG A 26 -14.16 50.16 -4.58
CA ARG A 26 -14.16 48.89 -5.29
C ARG A 26 -15.60 48.44 -5.58
N ARG A 27 -16.48 48.65 -4.61
CA ARG A 27 -17.89 48.28 -4.74
C ARG A 27 -18.54 48.95 -5.94
N GLU A 28 -18.20 50.22 -6.18
CA GLU A 28 -18.75 50.97 -7.31
C GLU A 28 -18.25 50.46 -8.65
N VAL A 29 -16.95 50.20 -8.73
CA VAL A 29 -16.33 49.70 -9.95
C VAL A 29 -16.87 48.33 -10.38
N GLU A 30 -17.23 47.51 -9.39
CA GLU A 30 -17.74 46.17 -9.63
C GLU A 30 -19.26 46.04 -9.74
N SER A 31 -19.99 47.10 -9.39
CA SER A 31 -21.45 47.07 -9.41
C SER A 31 -22.12 46.36 -10.58
N GLN A 32 -21.57 46.54 -11.78
CA GLN A 32 -22.12 45.92 -12.98
C GLN A 32 -21.78 44.42 -13.05
N ALA A 33 -20.57 44.08 -12.62
CA ALA A 33 -20.13 42.69 -12.61
C ALA A 33 -20.89 41.95 -11.51
N GLN A 34 -21.06 42.62 -10.37
CA GLN A 34 -21.78 42.07 -9.22
C GLN A 34 -23.26 41.84 -9.58
N GLN A 35 -23.82 42.75 -10.38
CA GLN A 35 -25.22 42.65 -10.81
C GLN A 35 -25.39 41.41 -11.70
N GLN A 36 -24.43 41.20 -12.60
CA GLN A 36 -24.44 40.06 -13.50
C GLN A 36 -24.33 38.75 -12.71
N LEU A 37 -23.50 38.78 -11.67
CA LEU A 37 -23.28 37.63 -10.81
C LEU A 37 -24.61 37.28 -10.13
N GLU A 38 -25.29 38.31 -9.63
CA GLU A 38 -26.58 38.17 -8.95
C GLU A 38 -27.65 37.59 -9.87
N ARG A 39 -27.63 38.00 -11.13
CA ARG A 39 -28.62 37.51 -12.10
C ARG A 39 -28.41 36.04 -12.44
N ALA A 40 -27.16 35.69 -12.75
CA ALA A 40 -26.79 34.32 -13.12
C ALA A 40 -27.19 33.30 -12.06
N LYS A 41 -27.28 33.77 -10.81
CA LYS A 41 -27.63 32.93 -9.67
C LYS A 41 -28.98 32.22 -9.85
N HIS A 42 -29.90 32.88 -10.57
CA HIS A 42 -31.22 32.33 -10.78
C HIS A 42 -31.39 31.64 -12.12
N LYS A 43 -30.30 31.52 -12.86
CA LYS A 43 -30.35 30.86 -14.16
C LYS A 43 -30.02 29.38 -14.03
N PRO A 44 -30.54 28.54 -14.95
CA PRO A 44 -30.27 27.10 -14.93
C PRO A 44 -28.85 26.83 -15.37
N VAL A 45 -28.40 25.60 -15.19
CA VAL A 45 -27.06 25.22 -15.60
C VAL A 45 -26.98 25.02 -17.12
N ALA A 46 -26.19 25.86 -17.79
CA ALA A 46 -26.01 25.78 -19.24
C ALA A 46 -25.22 24.51 -19.59
N PHE A 47 -24.10 24.30 -18.90
CA PHE A 47 -23.27 23.11 -19.10
C PHE A 47 -22.37 22.91 -17.90
N ALA A 48 -21.65 21.79 -17.88
CA ALA A 48 -20.75 21.48 -16.77
C ALA A 48 -19.37 21.06 -17.24
N VAL A 49 -18.37 21.29 -16.42
CA VAL A 49 -17.01 20.92 -16.75
C VAL A 49 -16.30 20.28 -15.56
N ARG A 50 -15.32 19.44 -15.86
CA ARG A 50 -14.48 18.81 -14.84
C ARG A 50 -13.14 19.51 -15.09
N THR A 51 -12.47 19.95 -14.04
CA THR A 51 -11.20 20.65 -14.22
C THR A 51 -10.00 19.72 -14.28
N ASN A 52 -8.96 20.17 -14.99
CA ASN A 52 -7.72 19.41 -15.09
C ASN A 52 -6.57 20.21 -14.49
N VAL A 53 -6.90 21.36 -13.90
CA VAL A 53 -5.90 22.21 -13.28
C VAL A 53 -6.41 22.82 -12.00
N SER A 54 -5.49 23.30 -11.19
CA SER A 54 -5.78 23.94 -9.92
C SER A 54 -5.97 25.43 -10.22
N TYR A 55 -6.87 26.08 -9.48
CA TYR A 55 -7.10 27.51 -9.68
C TYR A 55 -7.84 28.19 -8.54
N CYS A 56 -7.18 29.17 -7.94
CA CYS A 56 -7.75 29.93 -6.82
C CYS A 56 -8.20 31.32 -7.29
N GLY A 57 -9.49 31.46 -7.57
CA GLY A 57 -10.03 32.74 -8.02
C GLY A 57 -10.12 33.84 -6.97
N VAL A 58 -10.19 33.45 -5.70
CA VAL A 58 -10.28 34.38 -4.59
C VAL A 58 -9.07 35.34 -4.60
N LEU A 59 -7.95 34.86 -5.15
CA LEU A 59 -6.73 35.64 -5.22
C LEU A 59 -6.45 36.22 -6.60
N ASP A 60 -7.29 35.92 -7.57
CA ASP A 60 -7.10 36.46 -8.92
C ASP A 60 -7.47 37.95 -8.86
N GLU A 61 -6.43 38.77 -9.00
CA GLU A 61 -6.52 40.22 -8.97
C GLU A 61 -7.47 40.78 -10.01
N GLU A 62 -7.43 40.22 -11.22
CA GLU A 62 -8.30 40.73 -12.28
C GLU A 62 -9.66 40.07 -12.44
N CYS A 63 -10.18 39.55 -11.34
CA CYS A 63 -11.50 38.94 -11.32
C CYS A 63 -12.49 40.09 -11.21
N PRO A 64 -13.51 40.14 -12.10
CA PRO A 64 -14.53 41.20 -12.11
C PRO A 64 -15.06 41.66 -10.75
N VAL A 65 -15.13 40.73 -9.81
CA VAL A 65 -15.56 41.03 -8.44
C VAL A 65 -14.51 40.34 -7.57
N GLN A 66 -13.68 41.13 -6.91
CA GLN A 66 -12.62 40.58 -6.07
C GLN A 66 -13.11 39.69 -4.93
N GLY A 67 -12.46 38.55 -4.79
CA GLY A 67 -12.83 37.61 -3.75
C GLY A 67 -13.97 36.68 -4.14
N SER A 68 -14.56 36.94 -5.31
CA SER A 68 -15.67 36.13 -5.81
C SER A 68 -15.28 35.28 -7.02
N GLY A 69 -14.08 34.73 -6.96
CA GLY A 69 -13.60 33.88 -8.04
C GLY A 69 -13.61 32.45 -7.52
N VAL A 70 -14.11 31.54 -8.35
CA VAL A 70 -14.19 30.12 -7.99
C VAL A 70 -12.81 29.59 -7.55
N ASN A 71 -12.81 28.73 -6.55
CA ASN A 71 -11.59 28.16 -6.00
C ASN A 71 -11.65 26.65 -6.18
N PHE A 72 -10.91 26.13 -7.16
CA PHE A 72 -10.96 24.70 -7.43
C PHE A 72 -9.64 23.96 -7.58
N GLU A 73 -9.67 22.67 -7.28
CA GLU A 73 -8.52 21.78 -7.43
C GLU A 73 -8.72 21.09 -8.78
N ALA A 74 -7.75 20.32 -9.20
CA ALA A 74 -7.87 19.56 -10.43
C ALA A 74 -8.90 18.46 -10.13
N LYS A 75 -9.73 18.16 -11.12
CA LYS A 75 -10.76 17.12 -10.99
C LYS A 75 -12.04 17.56 -10.29
N ASP A 76 -12.12 18.83 -9.91
CA ASP A 76 -13.32 19.36 -9.29
C ASP A 76 -14.32 19.60 -10.43
N PHE A 77 -15.60 19.73 -10.09
CA PHE A 77 -16.63 19.97 -11.07
C PHE A 77 -17.22 21.36 -10.93
N LEU A 78 -17.55 21.97 -12.07
CA LEU A 78 -18.14 23.31 -12.07
C LEU A 78 -19.38 23.34 -12.94
N HIS A 79 -20.41 24.03 -12.45
CA HIS A 79 -21.64 24.22 -13.23
C HIS A 79 -21.57 25.64 -13.79
N ILE A 80 -21.64 25.74 -15.12
CA ILE A 80 -21.59 27.04 -15.76
C ILE A 80 -22.99 27.53 -16.09
N LYS A 81 -23.31 28.71 -15.62
CA LYS A 81 -24.63 29.28 -15.89
C LYS A 81 -24.60 30.30 -16.99
N GLU A 82 -23.49 31.00 -17.13
CA GLU A 82 -23.38 32.04 -18.14
C GLU A 82 -21.95 32.40 -18.52
N LYS A 83 -21.81 32.93 -19.73
CA LYS A 83 -20.52 33.37 -20.24
C LYS A 83 -20.57 34.91 -20.15
N TYR A 84 -19.69 35.47 -19.34
CA TYR A 84 -19.61 36.91 -19.11
C TYR A 84 -18.80 37.61 -20.22
N SER A 85 -17.64 37.05 -20.55
CA SER A 85 -16.76 37.59 -21.58
C SER A 85 -15.90 36.44 -22.09
N ASN A 86 -14.99 36.75 -23.01
CA ASN A 86 -14.10 35.74 -23.56
C ASN A 86 -13.04 35.34 -22.53
N ASP A 87 -13.01 36.07 -21.42
CA ASP A 87 -12.07 35.80 -20.36
C ASP A 87 -12.73 35.19 -19.11
N TRP A 88 -14.03 35.42 -18.96
CA TRP A 88 -14.74 34.95 -17.78
C TRP A 88 -16.11 34.36 -17.98
N TRP A 89 -16.39 33.30 -17.23
CA TRP A 89 -17.70 32.65 -17.24
C TRP A 89 -18.27 32.89 -15.85
N ILE A 90 -19.52 32.49 -15.65
CA ILE A 90 -20.15 32.63 -14.35
C ILE A 90 -20.84 31.30 -14.02
N GLY A 91 -20.57 30.80 -12.83
CA GLY A 91 -21.16 29.53 -12.42
C GLY A 91 -20.74 29.24 -11.00
N ARG A 92 -20.60 27.95 -10.68
CA ARG A 92 -20.20 27.61 -9.33
C ARG A 92 -19.53 26.26 -9.17
N LEU A 93 -18.77 26.15 -8.07
CA LEU A 93 -18.09 24.93 -7.71
C LEU A 93 -19.18 23.96 -7.25
N VAL A 94 -19.21 22.76 -7.80
CA VAL A 94 -20.22 21.78 -7.40
C VAL A 94 -19.78 21.17 -6.07
N LYS A 95 -20.29 21.79 -5.01
CA LYS A 95 -20.01 21.43 -3.62
C LYS A 95 -21.14 22.11 -2.80
N GLU A 96 -21.54 21.52 -1.68
CA GLU A 96 -22.57 22.15 -0.84
C GLU A 96 -22.03 23.49 -0.37
N GLY A 97 -22.81 24.55 -0.56
CA GLY A 97 -22.37 25.88 -0.15
C GLY A 97 -21.48 26.56 -1.18
N GLY A 98 -21.39 26.00 -2.37
CA GLY A 98 -20.59 26.61 -3.43
C GLY A 98 -21.43 27.70 -4.07
N ASP A 99 -21.14 28.95 -3.75
CA ASP A 99 -21.87 30.11 -4.28
C ASP A 99 -21.51 30.52 -5.70
N ILE A 100 -22.38 31.33 -6.30
CA ILE A 100 -22.17 31.85 -7.65
C ILE A 100 -20.84 32.61 -7.68
N ALA A 101 -20.05 32.39 -8.72
CA ALA A 101 -18.75 33.01 -8.81
C ALA A 101 -18.25 33.17 -10.23
N PHE A 102 -17.18 33.94 -10.38
CA PHE A 102 -16.57 34.16 -11.68
C PHE A 102 -15.61 33.00 -11.93
N ILE A 103 -15.67 32.46 -13.14
CA ILE A 103 -14.87 31.32 -13.54
C ILE A 103 -14.05 31.68 -14.77
N PRO A 104 -12.73 31.48 -14.71
CA PRO A 104 -11.85 31.81 -15.83
C PRO A 104 -12.16 30.91 -17.02
N SER A 105 -12.17 31.49 -18.21
CA SER A 105 -12.42 30.72 -19.44
C SER A 105 -11.14 29.92 -19.73
N PRO A 106 -11.22 28.91 -20.62
CA PRO A 106 -10.01 28.13 -20.94
C PRO A 106 -8.91 29.07 -21.45
N GLN A 107 -9.32 30.12 -22.17
CA GLN A 107 -8.41 31.13 -22.71
C GLN A 107 -7.63 31.81 -21.59
N ARG A 108 -8.36 32.31 -20.59
CA ARG A 108 -7.76 32.99 -19.44
C ARG A 108 -6.76 32.08 -18.73
N LEU A 109 -7.13 30.82 -18.51
CA LEU A 109 -6.26 29.86 -17.84
C LEU A 109 -4.99 29.60 -18.62
N GLU A 110 -5.08 29.66 -19.95
CA GLU A 110 -3.92 29.45 -20.81
C GLU A 110 -2.94 30.61 -20.71
N SER A 111 -3.48 31.81 -20.60
CA SER A 111 -2.66 33.02 -20.46
C SER A 111 -1.93 32.99 -19.13
N ILE A 112 -2.59 32.48 -18.10
CA ILE A 112 -2.01 32.38 -16.76
C ILE A 112 -0.88 31.36 -16.75
N ARG A 113 -1.10 30.23 -17.40
CA ARG A 113 -0.10 29.16 -17.48
C ARG A 113 1.07 29.60 -18.36
N LEU A 114 0.76 30.39 -19.39
CA LEU A 114 1.75 30.92 -20.32
C LEU A 114 2.61 31.96 -19.62
N LYS A 115 2.00 32.75 -18.76
CA LYS A 115 2.69 33.80 -18.00
C LYS A 115 3.73 33.18 -17.09
N GLN A 116 3.32 32.21 -16.28
CA GLN A 116 4.24 31.57 -15.33
C GLN A 116 5.28 30.72 -15.98
N GLU A 117 5.01 30.40 -17.19
CA GLU A 117 5.84 29.44 -17.85
C GLU A 117 6.84 30.05 -18.73
N GLN A 118 6.95 31.31 -18.53
CA GLN A 118 7.75 32.14 -19.31
C GLN A 118 8.24 33.32 -18.46
N LYS A 119 8.09 33.16 -17.12
CA LYS A 119 8.45 34.14 -16.10
C LYS A 119 9.37 33.54 -15.01
N VAL A 153 -4.78 17.70 -20.99
CA VAL A 153 -4.14 18.94 -21.42
C VAL A 153 -5.07 20.18 -21.37
N PRO A 154 -6.31 20.08 -21.91
CA PRO A 154 -7.18 21.27 -21.85
C PRO A 154 -7.54 21.48 -20.39
N PRO A 155 -7.73 22.75 -19.96
CA PRO A 155 -8.08 23.00 -18.56
C PRO A 155 -9.42 22.40 -18.13
N TYR A 156 -10.39 22.38 -19.06
CA TYR A 156 -11.73 21.87 -18.75
C TYR A 156 -12.21 20.83 -19.77
N ASP A 157 -12.98 19.87 -19.26
CA ASP A 157 -13.59 18.85 -20.10
C ASP A 157 -15.08 19.00 -19.84
N VAL A 158 -15.88 19.05 -20.91
CA VAL A 158 -17.32 19.19 -20.79
C VAL A 158 -17.87 17.82 -20.40
N VAL A 159 -18.66 17.81 -19.32
CA VAL A 159 -19.25 16.59 -18.79
C VAL A 159 -20.74 16.85 -18.50
N PRO A 160 -21.51 15.79 -18.20
CA PRO A 160 -22.94 15.97 -17.89
C PRO A 160 -23.09 16.77 -16.60
N SER A 161 -24.25 17.42 -16.42
CA SER A 161 -24.51 18.23 -15.23
C SER A 161 -24.67 17.39 -13.96
N MSE A 162 -24.81 16.08 -14.14
CA MSE A 162 -24.91 15.14 -13.03
C MSE A 162 -24.02 13.97 -13.45
O MSE A 162 -24.13 13.50 -14.58
CB MSE A 162 -26.35 14.64 -12.85
CG MSE A 162 -27.35 15.72 -12.44
SE MSE A 162 -26.94 16.48 -10.71
CE MSE A 162 -27.78 15.15 -9.57
N ARG A 163 -23.09 13.57 -12.60
CA ARG A 163 -22.21 12.45 -12.89
C ARG A 163 -23.03 11.15 -12.86
N PRO A 164 -23.08 10.42 -13.98
CA PRO A 164 -23.85 9.17 -14.02
C PRO A 164 -23.27 8.12 -13.09
N VAL A 165 -24.13 7.51 -12.28
CA VAL A 165 -23.70 6.44 -11.38
C VAL A 165 -23.56 5.16 -12.21
N VAL A 166 -22.40 4.50 -12.06
CA VAL A 166 -22.13 3.27 -12.78
C VAL A 166 -21.59 2.24 -11.78
N LEU A 167 -22.17 1.05 -11.79
CA LEU A 167 -21.74 -0.02 -10.89
C LEU A 167 -20.81 -1.00 -11.58
N VAL A 168 -19.73 -1.37 -10.89
CA VAL A 168 -18.77 -2.34 -11.43
C VAL A 168 -18.48 -3.34 -10.31
N GLY A 169 -18.37 -4.61 -10.69
CA GLY A 169 -18.09 -5.64 -9.71
C GLY A 169 -19.32 -6.32 -9.14
N PRO A 170 -19.13 -7.38 -8.33
CA PRO A 170 -17.79 -7.87 -7.98
C PRO A 170 -17.07 -8.54 -9.13
N SER A 171 -17.82 -8.98 -10.14
CA SER A 171 -17.24 -9.64 -11.28
C SER A 171 -17.87 -9.13 -12.60
N LEU A 172 -17.91 -10.00 -13.61
CA LEU A 172 -18.46 -9.65 -14.91
C LEU A 172 -19.98 -9.60 -15.00
N LYS A 173 -20.48 -8.55 -15.65
CA LYS A 173 -21.91 -8.39 -15.86
C LYS A 173 -22.30 -9.44 -16.92
N GLY A 174 -23.55 -9.86 -16.92
CA GLY A 174 -23.97 -10.86 -17.87
C GLY A 174 -24.02 -12.21 -17.16
N TYR A 175 -23.43 -12.25 -15.97
CA TYR A 175 -23.42 -13.46 -15.15
C TYR A 175 -24.23 -13.21 -13.88
N GLU A 176 -24.84 -14.28 -13.38
CA GLU A 176 -25.72 -14.21 -12.21
C GLU A 176 -25.26 -13.56 -10.91
N VAL A 177 -24.05 -13.86 -10.44
CA VAL A 177 -23.60 -13.28 -9.18
C VAL A 177 -23.53 -11.75 -9.24
N THR A 178 -22.88 -11.23 -10.27
CA THR A 178 -22.77 -9.78 -10.43
C THR A 178 -24.12 -9.14 -10.77
N ASP A 179 -24.85 -9.72 -11.71
CA ASP A 179 -26.16 -9.18 -12.11
C ASP A 179 -27.15 -9.12 -10.95
N MSE A 180 -27.17 -10.15 -10.13
CA MSE A 180 -28.08 -10.22 -8.99
C MSE A 180 -27.72 -9.20 -7.91
O MSE A 180 -28.59 -8.62 -7.30
CB MSE A 180 -28.06 -11.62 -8.38
CG MSE A 180 -28.76 -12.67 -9.21
SE MSE A 180 -28.53 -14.43 -8.44
CE MSE A 180 -29.78 -14.27 -6.97
N MSE A 181 -26.42 -9.03 -7.66
CA MSE A 181 -25.97 -8.08 -6.64
C MSE A 181 -26.21 -6.65 -7.09
O MSE A 181 -26.59 -5.81 -6.27
CB MSE A 181 -24.51 -8.31 -6.29
CG MSE A 181 -24.33 -9.51 -5.38
SE MSE A 181 -22.53 -9.72 -4.77
CE MSE A 181 -22.48 -8.21 -3.53
N GLN A 182 -25.99 -6.38 -8.36
CA GLN A 182 -26.19 -5.05 -8.90
C GLN A 182 -27.69 -4.75 -8.99
N LYS A 183 -28.48 -5.76 -9.35
CA LYS A 183 -29.93 -5.59 -9.45
C LYS A 183 -30.55 -5.15 -8.13
N ALA A 184 -30.11 -5.76 -7.04
CA ALA A 184 -30.59 -5.42 -5.70
C ALA A 184 -30.28 -3.95 -5.39
N LEU A 185 -29.12 -3.47 -5.83
CA LEU A 185 -28.75 -2.07 -5.61
C LEU A 185 -29.62 -1.14 -6.44
N PHE A 186 -29.84 -1.51 -7.71
CA PHE A 186 -30.68 -0.72 -8.60
C PHE A 186 -32.11 -0.59 -8.05
N ASP A 187 -32.67 -1.70 -7.57
CA ASP A 187 -34.04 -1.70 -7.02
C ASP A 187 -34.13 -0.77 -5.80
N PHE A 188 -33.13 -0.87 -4.93
CA PHE A 188 -33.08 -0.02 -3.75
C PHE A 188 -33.08 1.46 -4.16
N LEU A 189 -32.20 1.82 -5.09
CA LEU A 189 -32.09 3.20 -5.55
C LEU A 189 -33.41 3.73 -6.14
N LYS A 190 -34.10 2.90 -6.92
CA LYS A 190 -35.37 3.27 -7.53
C LYS A 190 -36.40 3.64 -6.45
N HIS A 191 -36.39 2.88 -5.37
CA HIS A 191 -37.30 3.10 -4.25
C HIS A 191 -36.86 4.29 -3.39
N ARG A 192 -35.60 4.28 -2.96
CA ARG A 192 -35.08 5.34 -2.12
C ARG A 192 -35.08 6.73 -2.74
N PHE A 193 -34.84 6.81 -4.05
CA PHE A 193 -34.79 8.09 -4.73
C PHE A 193 -35.88 8.35 -5.75
N ASP A 194 -36.97 7.59 -5.67
CA ASP A 194 -38.09 7.76 -6.60
C ASP A 194 -38.46 9.26 -6.68
N GLY A 195 -38.64 9.75 -7.90
CA GLY A 195 -38.97 11.15 -8.12
C GLY A 195 -37.76 12.05 -8.36
N ARG A 196 -36.60 11.63 -7.86
CA ARG A 196 -35.34 12.39 -8.00
C ARG A 196 -34.33 11.60 -8.80
N ILE A 197 -34.75 10.53 -9.46
CA ILE A 197 -33.80 9.68 -10.15
C ILE A 197 -34.21 9.18 -11.53
N SER A 198 -33.24 9.11 -12.43
CA SER A 198 -33.45 8.61 -13.78
C SER A 198 -32.48 7.44 -13.99
N ILE A 199 -33.00 6.23 -13.79
CA ILE A 199 -32.21 5.02 -13.97
C ILE A 199 -32.49 4.51 -15.38
N THR A 200 -31.42 4.27 -16.14
CA THR A 200 -31.59 3.79 -17.49
C THR A 200 -30.58 2.73 -17.90
N ARG A 201 -31.04 1.85 -18.79
CA ARG A 201 -30.20 0.76 -19.29
C ARG A 201 -29.45 1.24 -20.54
N VAL A 202 -28.17 0.88 -20.65
CA VAL A 202 -27.35 1.22 -21.81
C VAL A 202 -26.63 -0.05 -22.31
N THR A 203 -27.08 -0.58 -23.44
CA THR A 203 -26.49 -1.79 -24.01
C THR A 203 -25.31 -1.49 -24.94
N ALA A 204 -25.26 -0.27 -25.49
CA ALA A 204 -24.17 0.13 -26.38
C ALA A 204 -22.85 0.13 -25.60
N ASP A 205 -21.76 -0.12 -26.30
CA ASP A 205 -20.46 -0.17 -25.68
C ASP A 205 -19.88 1.23 -25.53
N LEU A 206 -20.17 1.84 -24.38
CA LEU A 206 -19.70 3.19 -24.09
C LEU A 206 -18.18 3.31 -24.08
N SER A 207 -17.47 2.20 -23.90
CA SER A 207 -16.01 2.26 -23.87
C SER A 207 -15.44 2.79 -25.20
N LEU A 208 -16.23 2.66 -26.26
CA LEU A 208 -15.81 3.13 -27.58
C LEU A 208 -16.05 4.64 -27.76
N ALA A 209 -16.53 5.30 -26.71
CA ALA A 209 -16.81 6.73 -26.76
C ALA A 209 -15.58 7.63 -26.85
N LYS A 210 -15.74 8.71 -27.60
CA LYS A 210 -14.71 9.71 -27.83
C LYS A 210 -14.74 10.79 -26.75
N SER A 231 -23.23 2.04 -35.02
CA SER A 231 -21.79 1.89 -34.91
C SER A 231 -21.26 2.90 -33.89
N ILE A 232 -20.38 3.79 -34.33
CA ILE A 232 -19.83 4.82 -33.46
C ILE A 232 -20.95 5.86 -33.24
N ALA A 233 -21.94 5.86 -34.14
CA ALA A 233 -23.06 6.78 -34.04
C ALA A 233 -24.05 6.33 -32.96
N GLU A 234 -24.15 5.03 -32.73
CA GLU A 234 -25.05 4.53 -31.71
C GLU A 234 -24.48 4.92 -30.34
N VAL A 235 -23.15 4.82 -30.22
CA VAL A 235 -22.46 5.17 -28.99
C VAL A 235 -22.58 6.68 -28.71
N GLN A 236 -22.35 7.51 -29.74
CA GLN A 236 -22.46 8.96 -29.58
C GLN A 236 -23.87 9.39 -29.24
N SER A 237 -24.85 8.71 -29.83
CA SER A 237 -26.24 9.02 -29.57
C SER A 237 -26.59 8.69 -28.11
N GLU A 238 -26.00 7.63 -27.58
CA GLU A 238 -26.22 7.24 -26.18
C GLU A 238 -25.50 8.24 -25.25
N ILE A 239 -24.32 8.69 -25.66
CA ILE A 239 -23.58 9.69 -24.88
C ILE A 239 -24.46 10.94 -24.75
N GLU A 240 -25.03 11.39 -25.87
CA GLU A 240 -25.89 12.59 -25.88
C GLU A 240 -27.16 12.41 -25.05
N ARG A 241 -27.68 11.18 -25.07
CA ARG A 241 -28.88 10.84 -24.34
C ARG A 241 -28.64 10.94 -22.82
N ILE A 242 -27.47 10.46 -22.38
CA ILE A 242 -27.10 10.53 -20.98
C ILE A 242 -26.94 12.00 -20.56
N PHE A 243 -26.32 12.80 -21.43
CA PHE A 243 -26.14 14.22 -21.16
C PHE A 243 -27.52 14.86 -21.00
N GLU A 244 -28.43 14.48 -21.89
CA GLU A 244 -29.80 15.01 -21.86
C GLU A 244 -30.55 14.67 -20.58
N LEU A 245 -30.44 13.42 -20.13
CA LEU A 245 -31.11 12.98 -18.91
C LEU A 245 -30.64 13.78 -17.70
N ALA A 246 -29.35 14.10 -17.70
CA ALA A 246 -28.73 14.84 -16.62
C ALA A 246 -29.05 16.32 -16.60
N LYS A 247 -29.53 16.83 -17.73
CA LYS A 247 -29.84 18.24 -17.88
C LYS A 247 -30.75 18.80 -16.77
N SER A 248 -31.78 18.05 -16.41
CA SER A 248 -32.74 18.46 -15.39
C SER A 248 -32.21 18.36 -13.96
N LEU A 249 -30.98 17.89 -13.83
CA LEU A 249 -30.34 17.73 -12.53
C LEU A 249 -30.88 16.59 -11.66
N GLN A 250 -31.53 15.62 -12.28
CA GLN A 250 -32.02 14.45 -11.56
C GLN A 250 -30.82 13.51 -11.40
N LEU A 251 -30.86 12.65 -10.39
CA LEU A 251 -29.77 11.70 -10.20
C LEU A 251 -29.85 10.76 -11.39
N VAL A 252 -28.73 10.55 -12.07
CA VAL A 252 -28.67 9.67 -13.23
C VAL A 252 -27.90 8.39 -12.88
N VAL A 253 -28.54 7.25 -13.08
CA VAL A 253 -27.93 5.97 -12.80
C VAL A 253 -27.94 5.15 -14.08
N LEU A 254 -26.79 4.59 -14.41
CA LEU A 254 -26.67 3.81 -15.64
C LEU A 254 -26.42 2.34 -15.37
N ASP A 255 -27.15 1.48 -16.06
CA ASP A 255 -26.91 0.05 -15.97
C ASP A 255 -26.24 -0.21 -17.34
N ALA A 256 -24.93 0.05 -17.38
CA ALA A 256 -24.11 -0.10 -18.59
C ALA A 256 -23.50 -1.51 -18.69
N ASP A 257 -24.10 -2.34 -19.54
CA ASP A 257 -23.71 -3.73 -19.75
C ASP A 257 -22.24 -4.03 -20.02
N THR A 258 -21.59 -3.22 -20.83
CA THR A 258 -20.20 -3.48 -21.19
C THR A 258 -19.14 -2.96 -20.22
N ILE A 259 -19.54 -2.07 -19.32
CA ILE A 259 -18.59 -1.49 -18.38
C ILE A 259 -18.32 -2.36 -17.15
N ASN A 260 -17.18 -3.04 -17.15
CA ASN A 260 -16.81 -3.90 -16.02
C ASN A 260 -15.59 -3.38 -15.28
N HIS A 261 -15.04 -2.26 -15.73
CA HIS A 261 -13.84 -1.71 -15.12
C HIS A 261 -13.79 -0.21 -15.36
N PRO A 262 -13.38 0.57 -14.34
CA PRO A 262 -13.28 2.04 -14.40
C PRO A 262 -12.53 2.57 -15.62
N ALA A 263 -11.45 1.91 -16.00
CA ALA A 263 -10.63 2.33 -17.15
C ALA A 263 -11.41 2.41 -18.46
N GLN A 264 -12.48 1.64 -18.58
CA GLN A 264 -13.31 1.64 -19.79
C GLN A 264 -14.08 2.92 -20.04
N LEU A 265 -14.21 3.75 -19.00
CA LEU A 265 -14.93 5.02 -19.12
C LEU A 265 -14.03 6.22 -18.83
N ALA A 266 -12.83 5.96 -18.33
CA ALA A 266 -11.87 7.02 -17.98
C ALA A 266 -11.51 7.91 -19.16
N LYS A 267 -11.71 7.38 -20.35
CA LYS A 267 -11.41 8.07 -21.59
C LYS A 267 -12.59 8.88 -22.15
N THR A 268 -13.79 8.58 -21.68
CA THR A 268 -14.98 9.28 -22.14
C THR A 268 -15.14 10.63 -21.44
N SER A 269 -16.23 11.32 -21.76
CA SER A 269 -16.52 12.62 -21.18
C SER A 269 -17.69 12.48 -20.20
N LEU A 270 -17.97 11.25 -19.77
CA LEU A 270 -19.07 10.98 -18.87
C LEU A 270 -18.81 11.30 -17.39
N ALA A 271 -17.56 11.26 -16.98
CA ALA A 271 -17.17 11.54 -15.60
C ALA A 271 -18.11 10.82 -14.62
N PRO A 272 -18.27 9.50 -14.77
CA PRO A 272 -19.15 8.76 -13.88
C PRO A 272 -18.74 8.64 -12.42
N ILE A 273 -19.74 8.38 -11.58
CA ILE A 273 -19.50 8.11 -10.18
C ILE A 273 -19.37 6.58 -10.21
N ILE A 274 -18.15 6.10 -10.09
CA ILE A 274 -17.88 4.67 -10.15
C ILE A 274 -18.13 4.02 -8.78
N VAL A 275 -19.05 3.07 -8.75
CA VAL A 275 -19.38 2.36 -7.52
C VAL A 275 -18.90 0.91 -7.60
N PHE A 276 -17.92 0.58 -6.76
CA PHE A 276 -17.35 -0.76 -6.70
C PHE A 276 -18.19 -1.66 -5.77
N VAL A 277 -18.92 -2.59 -6.36
CA VAL A 277 -19.76 -3.54 -5.61
C VAL A 277 -18.87 -4.74 -5.29
N LYS A 278 -18.27 -4.72 -4.11
CA LYS A 278 -17.38 -5.79 -3.67
C LYS A 278 -18.03 -6.97 -3.00
N VAL A 279 -17.25 -8.05 -2.96
CA VAL A 279 -17.62 -9.31 -2.32
C VAL A 279 -16.41 -9.52 -1.40
N SER A 280 -16.64 -10.21 -0.28
CA SER A 280 -15.61 -10.46 0.74
C SER A 280 -14.20 -10.85 0.27
N SER A 281 -14.10 -11.81 -0.64
CA SER A 281 -12.79 -12.24 -1.12
C SER A 281 -12.93 -13.12 -2.35
N PRO A 282 -11.82 -13.44 -3.02
CA PRO A 282 -11.88 -14.28 -4.22
C PRO A 282 -12.55 -15.63 -3.93
N LYS A 283 -12.19 -16.25 -2.80
CA LYS A 283 -12.76 -17.54 -2.42
C LYS A 283 -14.27 -17.47 -2.22
N VAL A 284 -14.74 -16.39 -1.59
CA VAL A 284 -16.18 -16.22 -1.39
C VAL A 284 -16.86 -16.08 -2.74
N LEU A 285 -16.25 -15.33 -3.65
CA LEU A 285 -16.82 -15.14 -4.97
C LEU A 285 -16.94 -16.48 -5.68
N GLN A 286 -15.93 -17.34 -5.49
CA GLN A 286 -15.94 -18.66 -6.09
C GLN A 286 -17.07 -19.53 -5.56
N ARG A 287 -17.35 -19.44 -4.27
CA ARG A 287 -18.44 -20.22 -3.68
C ARG A 287 -19.80 -19.70 -4.15
N LEU A 288 -19.89 -18.39 -4.38
CA LEU A 288 -21.15 -17.80 -4.84
C LEU A 288 -21.44 -18.27 -6.26
N ILE A 289 -20.40 -18.31 -7.08
CA ILE A 289 -20.52 -18.74 -8.47
C ILE A 289 -20.86 -20.24 -8.54
N ARG A 290 -20.30 -20.99 -7.59
CA ARG A 290 -20.52 -22.42 -7.51
C ARG A 290 -21.96 -22.72 -7.06
N SER A 291 -22.51 -21.84 -6.22
CA SER A 291 -23.87 -22.02 -5.72
C SER A 291 -24.91 -21.69 -6.78
N ARG A 292 -24.45 -21.26 -7.95
CA ARG A 292 -25.34 -20.91 -9.05
C ARG A 292 -25.54 -22.05 -10.02
N GLY A 293 -24.58 -22.97 -10.06
CA GLY A 293 -24.69 -24.10 -10.95
C GLY A 293 -23.63 -24.18 -12.02
N LYS A 294 -23.72 -25.23 -12.83
CA LYS A 294 -22.77 -25.51 -13.90
C LYS A 294 -22.68 -24.42 -14.96
N SER A 295 -23.84 -23.86 -15.33
CA SER A 295 -23.89 -22.81 -16.35
C SER A 295 -23.04 -21.60 -15.96
N GLN A 296 -22.98 -21.32 -14.67
CA GLN A 296 -22.21 -20.19 -14.16
C GLN A 296 -20.77 -20.59 -13.85
N MSE A 297 -20.60 -21.80 -13.32
CA MSE A 297 -19.28 -22.33 -12.97
C MSE A 297 -18.44 -22.61 -14.22
O MSE A 297 -17.21 -22.65 -14.17
CB MSE A 297 -19.44 -23.61 -12.15
CG MSE A 297 -18.20 -24.03 -11.39
SE MSE A 297 -17.73 -22.79 -9.98
CE MSE A 297 -16.69 -24.01 -8.89
N LYS A 298 -19.13 -22.79 -15.34
CA LYS A 298 -18.51 -23.04 -16.63
C LYS A 298 -17.65 -21.85 -17.05
N HIS A 299 -17.96 -20.69 -16.47
CA HIS A 299 -17.24 -19.45 -16.77
C HIS A 299 -16.61 -18.87 -15.50
N LEU A 300 -16.10 -19.75 -14.64
CA LEU A 300 -15.48 -19.36 -13.38
C LEU A 300 -14.22 -18.51 -13.56
N THR A 301 -13.35 -18.95 -14.46
CA THR A 301 -12.08 -18.28 -14.74
C THR A 301 -12.19 -16.82 -15.18
N VAL A 302 -13.04 -16.51 -16.16
CA VAL A 302 -13.19 -15.12 -16.63
C VAL A 302 -13.79 -14.22 -15.54
N GLN A 303 -14.65 -14.79 -14.70
CA GLN A 303 -15.26 -14.02 -13.61
C GLN A 303 -14.23 -13.72 -12.53
N MSE A 304 -13.40 -14.72 -12.19
CA MSE A 304 -12.36 -14.57 -11.18
C MSE A 304 -11.32 -13.54 -11.62
O MSE A 304 -10.78 -12.81 -10.81
CB MSE A 304 -11.67 -15.90 -10.89
CG MSE A 304 -12.52 -16.92 -10.13
SE MSE A 304 -13.14 -16.36 -8.36
CE MSE A 304 -15.00 -16.46 -8.72
N MSE A 305 -11.03 -13.53 -12.92
CA MSE A 305 -10.06 -12.60 -13.48
C MSE A 305 -10.61 -11.17 -13.45
O MSE A 305 -9.86 -10.22 -13.23
CB MSE A 305 -9.72 -12.97 -14.93
CG MSE A 305 -8.92 -14.26 -15.09
SE MSE A 305 -8.43 -14.58 -16.94
CE MSE A 305 -6.91 -13.39 -17.04
N ALA A 306 -11.90 -11.03 -13.68
CA ALA A 306 -12.55 -9.71 -13.66
C ALA A 306 -12.45 -9.14 -12.26
N TYR A 307 -12.66 -10.00 -11.25
CA TYR A 307 -12.58 -9.60 -9.86
C TYR A 307 -11.16 -9.11 -9.51
N ASP A 308 -10.15 -9.88 -9.90
CA ASP A 308 -8.75 -9.54 -9.63
C ASP A 308 -8.41 -8.16 -10.20
N LYS A 309 -8.77 -7.93 -11.46
CA LYS A 309 -8.53 -6.65 -12.12
C LYS A 309 -9.09 -5.49 -11.27
N LEU A 310 -10.31 -5.67 -10.77
CA LEU A 310 -10.95 -4.64 -9.96
C LEU A 310 -10.23 -4.35 -8.65
N VAL A 311 -9.92 -5.41 -7.88
CA VAL A 311 -9.24 -5.22 -6.61
C VAL A 311 -7.82 -4.70 -6.78
N GLN A 312 -7.27 -4.86 -7.99
CA GLN A 312 -5.93 -4.37 -8.29
C GLN A 312 -5.93 -2.89 -8.66
N CYS A 313 -7.12 -2.31 -8.90
CA CYS A 313 -7.23 -0.90 -9.24
C CYS A 313 -6.83 0.01 -8.10
N PRO A 314 -6.22 1.16 -8.43
CA PRO A 314 -5.80 2.13 -7.41
C PRO A 314 -7.10 2.66 -6.77
N PRO A 315 -7.01 3.15 -5.53
CA PRO A 315 -8.20 3.69 -4.83
C PRO A 315 -8.92 4.82 -5.59
N GLU A 316 -8.16 5.71 -6.22
CA GLU A 316 -8.74 6.83 -6.94
C GLU A 316 -9.66 6.45 -8.10
N SER A 317 -9.55 5.21 -8.57
CA SER A 317 -10.41 4.74 -9.66
C SER A 317 -11.88 4.57 -9.24
N PHE A 318 -12.12 4.48 -7.95
CA PHE A 318 -13.49 4.30 -7.46
C PHE A 318 -13.97 5.50 -6.66
N ASP A 319 -15.22 5.91 -6.88
CA ASP A 319 -15.77 7.03 -6.12
C ASP A 319 -16.43 6.52 -4.84
N VAL A 320 -16.94 5.28 -4.90
CA VAL A 320 -17.60 4.65 -3.76
C VAL A 320 -17.25 3.16 -3.72
N ILE A 321 -16.84 2.67 -2.56
CA ILE A 321 -16.51 1.26 -2.44
C ILE A 321 -17.49 0.61 -1.49
N LEU A 322 -18.33 -0.28 -2.03
CA LEU A 322 -19.33 -1.00 -1.24
C LEU A 322 -18.76 -2.35 -0.79
N ASP A 323 -18.02 -2.33 0.31
CA ASP A 323 -17.41 -3.55 0.85
C ASP A 323 -18.12 -4.12 2.08
N GLU A 324 -19.36 -3.70 2.31
CA GLU A 324 -20.13 -4.18 3.45
C GLU A 324 -20.60 -5.62 3.25
N ASN A 325 -20.61 -6.39 4.34
CA ASN A 325 -21.06 -7.78 4.30
C ASN A 325 -22.54 -7.86 3.95
N GLN A 326 -23.32 -6.92 4.50
CA GLN A 326 -24.75 -6.91 4.29
C GLN A 326 -25.25 -5.85 3.31
N LEU A 327 -26.18 -6.28 2.47
CA LEU A 327 -26.80 -5.45 1.45
C LEU A 327 -27.34 -4.11 1.94
N ASP A 328 -28.11 -4.14 3.03
CA ASP A 328 -28.71 -2.93 3.59
C ASP A 328 -27.68 -1.88 3.99
N ASP A 329 -26.57 -2.33 4.55
CA ASP A 329 -25.51 -1.42 4.95
C ASP A 329 -24.86 -0.80 3.72
N ALA A 330 -24.76 -1.61 2.66
CA ALA A 330 -24.19 -1.14 1.40
C ALA A 330 -25.12 -0.09 0.80
N CYS A 331 -26.42 -0.37 0.83
CA CYS A 331 -27.44 0.53 0.30
C CYS A 331 -27.44 1.88 1.02
N GLU A 332 -27.34 1.84 2.35
CA GLU A 332 -27.32 3.06 3.14
C GLU A 332 -26.05 3.85 2.89
N HIS A 333 -24.96 3.12 2.68
CA HIS A 333 -23.67 3.74 2.40
C HIS A 333 -23.80 4.51 1.07
N LEU A 334 -24.43 3.88 0.08
CA LEU A 334 -24.60 4.50 -1.24
C LEU A 334 -25.60 5.67 -1.18
N ALA A 335 -26.72 5.48 -0.50
CA ALA A 335 -27.75 6.52 -0.37
C ALA A 335 -27.14 7.74 0.29
N GLU A 336 -26.43 7.53 1.39
CA GLU A 336 -25.80 8.63 2.10
C GLU A 336 -24.86 9.44 1.20
N TYR A 337 -24.04 8.73 0.41
CA TYR A 337 -23.12 9.38 -0.52
C TYR A 337 -23.91 10.17 -1.56
N LEU A 338 -24.99 9.57 -2.07
CA LEU A 338 -25.82 10.22 -3.09
C LEU A 338 -26.66 11.38 -2.55
N GLU A 339 -26.99 11.34 -1.26
CA GLU A 339 -27.76 12.44 -0.66
C GLU A 339 -26.85 13.66 -0.61
N VAL A 340 -25.58 13.43 -0.28
CA VAL A 340 -24.58 14.49 -0.24
C VAL A 340 -24.40 15.08 -1.64
N TYR A 341 -24.37 14.22 -2.64
CA TYR A 341 -24.19 14.66 -4.03
C TYR A 341 -25.38 15.48 -4.50
N TRP A 342 -26.56 15.09 -4.06
CA TRP A 342 -27.77 15.81 -4.42
C TRP A 342 -27.67 17.24 -3.89
N ARG A 343 -27.30 17.38 -2.62
CA ARG A 343 -27.18 18.70 -2.00
C ARG A 343 -26.11 19.57 -2.64
N ALA A 344 -25.03 18.94 -3.09
CA ALA A 344 -23.94 19.66 -3.73
C ALA A 344 -24.31 20.21 -5.12
N THR A 345 -25.22 19.50 -5.79
CA THR A 345 -25.64 19.89 -7.13
C THR A 345 -26.88 20.77 -7.21
N HIS A 346 -27.62 20.87 -6.11
CA HIS A 346 -28.82 21.70 -6.11
C HIS A 346 -28.65 22.97 -5.29
N HIS A 347 -28.48 24.07 -6.03
CA HIS A 347 -28.25 25.39 -5.45
C HIS A 347 -29.12 26.45 -6.14
N PRO A 348 -29.84 27.17 -5.41
N VAL B 16 -35.55 -13.14 -5.13
CA VAL B 16 -34.77 -13.68 -3.97
C VAL B 16 -33.33 -13.15 -4.04
N SER B 17 -32.81 -12.71 -2.90
CA SER B 17 -31.45 -12.18 -2.83
C SER B 17 -30.37 -13.25 -2.65
N LEU B 18 -29.13 -12.81 -2.75
CA LEU B 18 -27.96 -13.68 -2.62
C LEU B 18 -27.32 -13.46 -1.25
N GLU B 19 -28.00 -12.68 -0.42
CA GLU B 19 -27.55 -12.33 0.92
C GLU B 19 -27.30 -13.47 1.89
N GLU B 20 -28.12 -14.52 1.76
CA GLU B 20 -28.03 -15.71 2.60
C GLU B 20 -26.76 -16.48 2.19
N ASP B 21 -26.56 -16.62 0.88
CA ASP B 21 -25.41 -17.32 0.33
C ASP B 21 -24.09 -16.61 0.64
N ARG B 22 -24.12 -15.28 0.65
CA ARG B 22 -22.92 -14.51 0.95
C ARG B 22 -22.49 -14.79 2.39
N GLU B 23 -23.45 -14.78 3.30
CA GLU B 23 -23.18 -15.02 4.72
C GLU B 23 -22.67 -16.43 4.95
N SER B 24 -23.25 -17.40 4.25
CA SER B 24 -22.83 -18.78 4.37
C SER B 24 -21.44 -18.97 3.78
N ALA B 25 -21.19 -18.40 2.61
CA ALA B 25 -19.90 -18.50 1.95
C ALA B 25 -18.79 -17.84 2.78
N ARG B 26 -19.15 -16.77 3.49
CA ARG B 26 -18.23 -16.04 4.35
C ARG B 26 -17.79 -16.91 5.54
N ARG B 27 -18.77 -17.55 6.17
CA ARG B 27 -18.54 -18.43 7.32
C ARG B 27 -17.68 -19.63 6.93
N GLU B 28 -17.97 -20.20 5.77
CA GLU B 28 -17.25 -21.36 5.27
C GLU B 28 -15.81 -21.06 4.89
N VAL B 29 -15.59 -19.88 4.31
CA VAL B 29 -14.25 -19.48 3.91
C VAL B 29 -13.38 -19.21 5.14
N GLU B 30 -13.98 -18.60 6.16
CA GLU B 30 -13.27 -18.29 7.39
C GLU B 30 -12.90 -19.59 8.10
N SER B 31 -13.84 -20.52 8.13
CA SER B 31 -13.62 -21.82 8.77
C SER B 31 -12.48 -22.56 8.08
N GLN B 32 -12.49 -22.58 6.75
CA GLN B 32 -11.43 -23.23 5.98
C GLN B 32 -10.09 -22.49 6.18
N ALA B 33 -10.16 -21.19 6.44
CA ALA B 33 -8.95 -20.39 6.64
C ALA B 33 -8.35 -20.68 8.00
N GLN B 34 -9.22 -20.83 8.99
CA GLN B 34 -8.82 -21.12 10.35
C GLN B 34 -8.14 -22.49 10.42
N GLN B 35 -8.61 -23.41 9.59
CA GLN B 35 -8.06 -24.77 9.53
C GLN B 35 -6.79 -24.84 8.69
N GLN B 36 -6.65 -23.96 7.70
CA GLN B 36 -5.44 -23.95 6.87
C GLN B 36 -4.29 -23.37 7.68
N LEU B 37 -4.66 -22.54 8.66
CA LEU B 37 -3.71 -21.89 9.55
C LEU B 37 -3.16 -22.94 10.52
N GLU B 38 -4.05 -23.79 11.03
CA GLU B 38 -3.69 -24.87 11.95
C GLU B 38 -2.78 -25.86 11.25
N ARG B 39 -3.15 -26.21 10.02
CA ARG B 39 -2.37 -27.14 9.22
C ARG B 39 -0.97 -26.64 8.88
N ALA B 40 -0.80 -25.31 8.83
CA ALA B 40 0.49 -24.73 8.50
C ALA B 40 1.39 -24.55 9.72
N LYS B 41 0.79 -24.69 10.90
CA LYS B 41 1.47 -24.51 12.18
C LYS B 41 2.82 -25.22 12.29
N HIS B 42 2.93 -26.40 11.65
CA HIS B 42 4.18 -27.16 11.70
C HIS B 42 4.80 -27.51 10.35
N LYS B 43 4.47 -26.74 9.32
CA LYS B 43 5.03 -26.96 7.99
C LYS B 43 6.44 -26.35 7.96
N PRO B 44 7.24 -26.74 6.95
CA PRO B 44 8.61 -26.23 6.81
C PRO B 44 8.62 -24.74 6.44
N VAL B 45 9.67 -24.04 6.84
CA VAL B 45 9.84 -22.63 6.53
C VAL B 45 10.27 -22.54 5.07
N ALA B 46 9.41 -21.99 4.22
CA ALA B 46 9.70 -21.83 2.80
C ALA B 46 10.74 -20.76 2.60
N PHE B 47 10.55 -19.63 3.28
CA PHE B 47 11.49 -18.52 3.19
C PHE B 47 11.28 -17.53 4.32
N ALA B 48 12.30 -16.72 4.58
CA ALA B 48 12.27 -15.72 5.63
C ALA B 48 12.44 -14.32 5.05
N VAL B 49 11.86 -13.33 5.72
CA VAL B 49 12.00 -11.95 5.28
C VAL B 49 12.21 -11.00 6.46
N ARG B 50 12.84 -9.87 6.17
CA ARG B 50 13.07 -8.82 7.16
C ARG B 50 12.16 -7.69 6.67
N THR B 51 11.41 -7.08 7.58
CA THR B 51 10.47 -6.01 7.22
C THR B 51 11.10 -4.63 7.12
N ASN B 52 10.50 -3.78 6.27
CA ASN B 52 10.96 -2.41 6.07
C ASN B 52 9.89 -1.41 6.47
N VAL B 53 8.72 -1.91 6.83
CA VAL B 53 7.60 -1.07 7.25
C VAL B 53 6.91 -1.71 8.44
N SER B 54 6.06 -0.95 9.11
CA SER B 54 5.31 -1.48 10.24
C SER B 54 3.93 -1.88 9.72
N TYR B 55 3.23 -2.72 10.48
CA TYR B 55 1.92 -3.20 10.10
C TYR B 55 1.16 -3.66 11.35
N CYS B 56 -0.08 -3.22 11.46
CA CYS B 56 -0.92 -3.58 12.60
C CYS B 56 -2.06 -4.50 12.14
N GLY B 57 -1.76 -5.80 12.09
CA GLY B 57 -2.74 -6.79 11.65
C GLY B 57 -4.02 -6.87 12.43
N VAL B 58 -3.99 -6.52 13.72
CA VAL B 58 -5.19 -6.57 14.55
C VAL B 58 -6.23 -5.56 14.08
N LEU B 59 -5.80 -4.58 13.29
CA LEU B 59 -6.70 -3.56 12.77
C LEU B 59 -7.11 -3.77 11.32
N ASP B 60 -6.51 -4.77 10.68
CA ASP B 60 -6.83 -5.07 9.29
C ASP B 60 -8.08 -5.96 9.22
N GLU B 61 -9.16 -5.38 8.74
CA GLU B 61 -10.45 -6.07 8.61
C GLU B 61 -10.47 -7.11 7.49
N GLU B 62 -9.46 -7.10 6.63
CA GLU B 62 -9.39 -8.05 5.52
C GLU B 62 -8.67 -9.36 5.86
N CYS B 63 -8.13 -9.45 7.08
CA CYS B 63 -7.44 -10.66 7.53
C CYS B 63 -8.47 -11.82 7.49
N PRO B 64 -8.12 -12.94 6.83
CA PRO B 64 -9.00 -14.11 6.72
C PRO B 64 -9.62 -14.63 8.02
N VAL B 65 -8.89 -14.52 9.13
CA VAL B 65 -9.40 -14.96 10.42
C VAL B 65 -9.18 -13.87 11.45
N GLN B 66 -10.28 -13.33 11.97
CA GLN B 66 -10.23 -12.25 12.95
C GLN B 66 -9.39 -12.62 14.18
N GLY B 67 -8.40 -11.76 14.45
CA GLY B 67 -7.53 -11.97 15.59
C GLY B 67 -6.31 -12.82 15.30
N SER B 68 -6.22 -13.38 14.11
CA SER B 68 -5.09 -14.20 13.73
C SER B 68 -4.07 -13.43 12.91
N GLY B 69 -4.25 -12.11 12.84
CA GLY B 69 -3.34 -11.28 12.09
C GLY B 69 -2.02 -11.10 12.83
N VAL B 70 -1.05 -10.54 12.13
CA VAL B 70 0.25 -10.33 12.73
C VAL B 70 0.54 -8.83 12.87
N ASN B 71 1.26 -8.47 13.91
CA ASN B 71 1.62 -7.08 14.13
C ASN B 71 3.13 -7.00 14.15
N PHE B 72 3.69 -6.12 13.33
CA PHE B 72 5.14 -5.96 13.29
C PHE B 72 5.61 -4.54 13.01
N GLU B 73 6.87 -4.30 13.37
CA GLU B 73 7.51 -3.01 13.17
C GLU B 73 8.57 -3.23 12.10
N ALA B 74 9.15 -2.14 11.59
CA ALA B 74 10.21 -2.25 10.59
C ALA B 74 11.38 -2.98 11.25
N LYS B 75 12.13 -3.72 10.44
CA LYS B 75 13.30 -4.48 10.91
C LYS B 75 12.96 -5.79 11.60
N ASP B 76 11.68 -6.15 11.67
CA ASP B 76 11.29 -7.41 12.30
C ASP B 76 11.51 -8.54 11.31
N PHE B 77 11.55 -9.76 11.81
CA PHE B 77 11.77 -10.96 10.99
C PHE B 77 10.57 -11.88 10.95
N LEU B 78 10.26 -12.39 9.77
CA LEU B 78 9.11 -13.29 9.59
C LEU B 78 9.48 -14.57 8.87
N HIS B 79 8.89 -15.68 9.32
CA HIS B 79 9.10 -16.96 8.69
C HIS B 79 7.83 -17.29 7.90
N ILE B 80 7.94 -17.30 6.58
CA ILE B 80 6.80 -17.59 5.74
C ILE B 80 6.74 -19.08 5.42
N LYS B 81 5.63 -19.71 5.78
CA LYS B 81 5.45 -21.13 5.56
C LYS B 81 4.58 -21.50 4.37
N GLU B 82 3.70 -20.60 3.96
CA GLU B 82 2.78 -20.91 2.88
C GLU B 82 2.07 -19.68 2.30
N LYS B 83 1.57 -19.82 1.08
CA LYS B 83 0.83 -18.76 0.41
C LYS B 83 -0.66 -19.12 0.42
N TYR B 84 -1.47 -18.25 1.01
CA TYR B 84 -2.91 -18.46 1.08
C TYR B 84 -3.62 -17.85 -0.13
N SER B 85 -3.22 -16.63 -0.50
CA SER B 85 -3.81 -15.93 -1.64
C SER B 85 -2.92 -14.79 -2.07
N ASN B 86 -3.34 -14.05 -3.10
CA ASN B 86 -2.58 -12.90 -3.60
C ASN B 86 -2.28 -11.92 -2.47
N ASP B 87 -3.27 -11.69 -1.60
CA ASP B 87 -3.13 -10.77 -0.48
C ASP B 87 -2.56 -11.38 0.81
N TRP B 88 -2.67 -12.69 0.97
CA TRP B 88 -2.19 -13.31 2.21
C TRP B 88 -1.26 -14.51 2.16
N TRP B 89 -0.27 -14.45 3.02
CA TRP B 89 0.71 -15.52 3.19
C TRP B 89 0.40 -16.03 4.60
N ILE B 90 0.98 -17.17 4.97
CA ILE B 90 0.80 -17.71 6.31
C ILE B 90 2.18 -17.96 6.89
N GLY B 91 2.40 -17.49 8.11
CA GLY B 91 3.68 -17.66 8.76
C GLY B 91 3.68 -17.07 10.15
N ARG B 92 4.83 -16.58 10.61
CA ARG B 92 4.88 -16.02 11.96
C ARG B 92 6.09 -15.17 12.25
N LEU B 93 5.93 -14.29 13.24
CA LEU B 93 7.01 -13.44 13.71
C LEU B 93 8.04 -14.39 14.31
N VAL B 94 9.30 -14.20 13.97
CA VAL B 94 10.35 -15.06 14.51
C VAL B 94 10.69 -14.62 15.93
N LYS B 95 9.94 -15.16 16.89
CA LYS B 95 10.14 -14.86 18.32
C LYS B 95 9.38 -15.84 19.21
N GLU B 96 9.63 -15.76 20.52
CA GLU B 96 8.98 -16.62 21.51
C GLU B 96 7.50 -16.25 21.60
N GLY B 97 6.63 -17.24 21.46
CA GLY B 97 5.21 -16.99 21.54
C GLY B 97 4.61 -16.55 20.21
N GLY B 98 5.48 -16.18 19.27
CA GLY B 98 5.02 -15.77 17.96
C GLY B 98 4.44 -17.00 17.27
N ASP B 99 3.12 -17.13 17.27
CA ASP B 99 2.50 -18.29 16.64
C ASP B 99 2.06 -18.06 15.21
N ILE B 100 1.69 -19.15 14.54
CA ILE B 100 1.25 -19.14 13.16
C ILE B 100 0.14 -18.09 12.97
N ALA B 101 0.16 -17.41 11.84
CA ALA B 101 -0.81 -16.36 11.57
C ALA B 101 -0.82 -15.97 10.09
N PHE B 102 -1.78 -15.12 9.74
CA PHE B 102 -1.88 -14.61 8.39
C PHE B 102 -0.98 -13.39 8.27
N ILE B 103 -0.15 -13.37 7.24
CA ILE B 103 0.79 -12.28 7.00
C ILE B 103 0.45 -11.63 5.68
N PRO B 104 0.38 -10.29 5.66
CA PRO B 104 0.06 -9.57 4.43
C PRO B 104 1.16 -9.68 3.36
N SER B 105 0.75 -10.00 2.14
CA SER B 105 1.70 -10.09 1.04
C SER B 105 2.05 -8.66 0.65
N PRO B 106 3.15 -8.47 -0.10
CA PRO B 106 3.54 -7.13 -0.52
C PRO B 106 2.38 -6.46 -1.25
N GLN B 107 1.52 -7.27 -1.87
CA GLN B 107 0.36 -6.79 -2.61
C GLN B 107 -0.65 -6.14 -1.66
N ARG B 108 -0.88 -6.76 -0.51
CA ARG B 108 -1.80 -6.22 0.49
C ARG B 108 -1.22 -4.92 1.04
N LEU B 109 0.09 -4.94 1.28
CA LEU B 109 0.78 -3.77 1.83
C LEU B 109 0.76 -2.59 0.85
N GLU B 110 0.83 -2.90 -0.43
CA GLU B 110 0.77 -1.87 -1.48
C GLU B 110 -0.62 -1.22 -1.45
N SER B 111 -1.66 -2.05 -1.33
CA SER B 111 -3.02 -1.53 -1.29
C SER B 111 -3.18 -0.64 -0.07
N ILE B 112 -2.64 -1.07 1.07
CA ILE B 112 -2.71 -0.29 2.29
C ILE B 112 -2.01 1.07 2.17
N ARG B 113 -0.84 1.11 1.55
CA ARG B 113 -0.12 2.37 1.42
C ARG B 113 -0.74 3.34 0.41
N LEU B 114 -1.39 2.79 -0.62
CA LEU B 114 -2.06 3.61 -1.63
C LEU B 114 -3.26 4.32 -0.98
N LYS B 115 -3.90 3.63 -0.04
CA LYS B 115 -5.03 4.18 0.69
C LYS B 115 -4.55 5.33 1.59
N GLN B 116 -3.46 5.09 2.32
CA GLN B 116 -2.87 6.08 3.23
C GLN B 116 -2.45 7.31 2.44
N GLU B 117 -1.85 7.07 1.28
CA GLU B 117 -1.35 8.09 0.38
C GLU B 117 -2.49 8.97 -0.16
N GLN B 118 -3.63 8.33 -0.44
CA GLN B 118 -4.82 9.00 -0.95
C GLN B 118 -5.38 9.95 0.12
N LYS B 119 -5.19 9.59 1.38
CA LYS B 119 -5.68 10.40 2.49
C LYS B 119 -4.70 11.52 2.87
N ALA B 120 -3.48 11.46 2.37
CA ALA B 120 -2.47 12.48 2.65
C ALA B 120 -2.71 13.65 1.70
N ARG B 121 -3.68 14.50 2.08
CA ARG B 121 -4.10 15.65 1.29
C ARG B 121 -3.05 16.68 0.90
N ARG B 122 -2.00 16.81 1.70
CA ARG B 122 -0.97 17.80 1.39
C ARG B 122 0.23 17.26 0.63
N SER B 123 0.79 16.14 1.09
CA SER B 123 1.96 15.57 0.44
C SER B 123 1.72 14.33 -0.42
N GLY B 124 0.53 13.75 -0.34
CA GLY B 124 0.18 12.58 -1.14
C GLY B 124 1.32 11.62 -1.46
N ASN B 125 1.73 11.59 -2.73
CA ASN B 125 2.83 10.73 -3.16
C ASN B 125 4.10 11.57 -3.34
N HIS B 152 9.44 2.33 -4.42
CA HIS B 152 10.86 2.09 -4.60
C HIS B 152 11.42 1.18 -3.51
N VAL B 153 10.89 1.32 -2.30
CA VAL B 153 11.34 0.51 -1.17
C VAL B 153 10.37 -0.64 -0.90
N PRO B 154 10.81 -1.88 -1.15
CA PRO B 154 9.98 -3.06 -0.94
C PRO B 154 9.68 -3.26 0.54
N PRO B 155 8.46 -3.70 0.87
CA PRO B 155 8.03 -3.94 2.25
C PRO B 155 8.85 -5.06 2.91
N TYR B 156 9.32 -6.02 2.10
CA TYR B 156 10.10 -7.14 2.64
C TYR B 156 11.37 -7.44 1.85
N ASP B 157 12.42 -7.82 2.57
CA ASP B 157 13.68 -8.23 1.96
C ASP B 157 13.82 -9.70 2.36
N VAL B 158 14.21 -10.55 1.42
CA VAL B 158 14.39 -11.95 1.70
C VAL B 158 15.71 -12.16 2.43
N VAL B 159 15.65 -12.85 3.56
CA VAL B 159 16.83 -13.11 4.36
C VAL B 159 16.95 -14.59 4.69
N PRO B 160 18.14 -15.05 5.12
CA PRO B 160 18.35 -16.45 5.47
C PRO B 160 17.35 -16.89 6.55
N SER B 161 16.92 -18.15 6.52
CA SER B 161 15.97 -18.66 7.52
C SER B 161 16.51 -18.62 8.94
N MSE B 162 17.83 -18.44 9.06
CA MSE B 162 18.52 -18.31 10.33
C MSE B 162 19.52 -17.19 10.14
O MSE B 162 20.25 -17.16 9.14
CB MSE B 162 19.28 -19.61 10.69
CG MSE B 162 18.40 -20.81 11.03
SE MSE B 162 17.25 -20.56 12.58
CE MSE B 162 18.57 -20.83 13.99
N ARG B 163 19.51 -16.22 11.05
CA ARG B 163 20.44 -15.10 10.97
C ARG B 163 21.85 -15.58 11.35
N PRO B 164 22.81 -15.45 10.42
CA PRO B 164 24.20 -15.87 10.63
C PRO B 164 24.89 -15.03 11.70
N VAL B 165 25.50 -15.70 12.66
CA VAL B 165 26.22 -15.00 13.72
C VAL B 165 27.61 -14.60 13.23
N VAL B 166 27.93 -13.32 13.41
CA VAL B 166 29.23 -12.80 13.02
C VAL B 166 29.84 -12.15 14.25
N LEU B 167 31.09 -12.50 14.54
CA LEU B 167 31.77 -11.93 15.69
C LEU B 167 32.69 -10.82 15.20
N VAL B 168 32.70 -9.70 15.91
CA VAL B 168 33.56 -8.57 15.56
C VAL B 168 34.18 -8.08 16.85
N GLY B 169 35.46 -7.70 16.80
CA GLY B 169 36.13 -7.23 17.98
C GLY B 169 36.86 -8.31 18.76
N PRO B 170 37.59 -7.94 19.83
CA PRO B 170 37.73 -6.56 20.33
C PRO B 170 38.52 -5.63 19.41
N SER B 171 39.26 -6.22 18.48
CA SER B 171 40.06 -5.44 17.56
C SER B 171 40.06 -6.08 16.18
N LEU B 172 41.19 -6.00 15.49
CA LEU B 172 41.32 -6.57 14.14
C LEU B 172 41.59 -8.07 14.14
N LYS B 173 40.93 -8.77 13.22
CA LYS B 173 41.13 -10.20 13.06
C LYS B 173 42.51 -10.38 12.39
N GLY B 174 43.15 -11.51 12.62
CA GLY B 174 44.46 -11.74 12.05
C GLY B 174 45.57 -11.40 13.04
N TYR B 175 45.19 -10.90 14.20
CA TYR B 175 46.13 -10.57 15.27
C TYR B 175 45.73 -11.42 16.47
N GLU B 176 46.71 -11.73 17.33
CA GLU B 176 46.50 -12.60 18.48
C GLU B 176 45.42 -12.31 19.51
N VAL B 177 45.29 -11.07 19.94
CA VAL B 177 44.27 -10.78 20.96
C VAL B 177 42.87 -11.09 20.45
N THR B 178 42.53 -10.58 19.27
CA THR B 178 41.23 -10.82 18.68
C THR B 178 41.04 -12.30 18.33
N ASP B 179 42.01 -12.90 17.66
CA ASP B 179 41.91 -14.31 17.30
C ASP B 179 41.74 -15.23 18.51
N MSE B 180 42.56 -15.05 19.53
CA MSE B 180 42.49 -15.87 20.75
C MSE B 180 41.14 -15.69 21.45
O MSE B 180 40.48 -16.67 21.81
CB MSE B 180 43.61 -15.50 21.73
CG MSE B 180 45.00 -15.99 21.34
SE MSE B 180 46.42 -15.13 22.39
CE MSE B 180 46.02 -15.93 24.13
N MSE B 181 40.72 -14.45 21.60
CA MSE B 181 39.45 -14.16 22.26
C MSE B 181 38.29 -14.73 21.47
O MSE B 181 37.41 -15.38 22.03
CB MSE B 181 39.30 -12.66 22.47
CG MSE B 181 38.30 -12.29 23.53
SE MSE B 181 38.64 -10.51 24.18
CE MSE B 181 40.05 -10.94 25.42
N GLN B 182 38.31 -14.54 20.15
CA GLN B 182 37.24 -15.07 19.31
C GLN B 182 37.32 -16.60 19.25
N LYS B 183 38.52 -17.15 19.43
CA LYS B 183 38.71 -18.59 19.42
C LYS B 183 38.03 -19.23 20.62
N ALA B 184 38.21 -18.62 21.80
CA ALA B 184 37.58 -19.10 23.02
C ALA B 184 36.07 -19.14 22.81
N LEU B 185 35.55 -18.16 22.09
CA LEU B 185 34.12 -18.09 21.80
C LEU B 185 33.66 -19.19 20.85
N PHE B 186 34.38 -19.37 19.74
CA PHE B 186 34.02 -20.42 18.78
C PHE B 186 34.09 -21.80 19.44
N ASP B 187 35.13 -22.04 20.24
CA ASP B 187 35.30 -23.33 20.94
C ASP B 187 34.13 -23.63 21.86
N PHE B 188 33.70 -22.63 22.63
CA PHE B 188 32.58 -22.78 23.54
C PHE B 188 31.29 -23.16 22.77
N LEU B 189 30.99 -22.41 21.71
CA LEU B 189 29.79 -22.63 20.91
C LEU B 189 29.77 -24.03 20.28
N LYS B 190 30.93 -24.50 19.86
CA LYS B 190 31.04 -25.82 19.25
C LYS B 190 30.49 -26.93 20.13
N HIS B 191 30.71 -26.82 21.44
CA HIS B 191 30.23 -27.85 22.35
C HIS B 191 28.86 -27.63 22.97
N ARG B 192 28.54 -26.38 23.37
CA ARG B 192 27.23 -26.15 23.99
C ARG B 192 26.10 -26.29 22.97
N PHE B 193 26.40 -26.03 21.71
CA PHE B 193 25.39 -26.12 20.66
C PHE B 193 25.69 -27.27 19.70
N ASP B 194 26.41 -28.28 20.20
CA ASP B 194 26.76 -29.44 19.39
C ASP B 194 25.50 -30.16 18.90
N GLY B 195 25.47 -30.48 17.62
CA GLY B 195 24.33 -31.17 17.03
C GLY B 195 23.25 -30.24 16.49
N ARG B 196 23.38 -28.94 16.75
CA ARG B 196 22.41 -27.96 16.29
C ARG B 196 23.10 -26.67 15.85
N ILE B 197 24.40 -26.76 15.60
CA ILE B 197 25.16 -25.60 15.17
C ILE B 197 25.97 -25.91 13.92
N SER B 198 26.20 -24.88 13.12
CA SER B 198 26.95 -24.99 11.89
C SER B 198 27.91 -23.80 11.85
N ILE B 199 29.19 -24.07 12.05
CA ILE B 199 30.21 -23.05 12.04
C ILE B 199 31.02 -23.15 10.75
N THR B 200 31.04 -22.06 9.99
CA THR B 200 31.76 -22.06 8.72
C THR B 200 32.62 -20.83 8.56
N ARG B 201 33.81 -21.05 8.00
CA ARG B 201 34.74 -19.96 7.76
C ARG B 201 34.43 -19.36 6.39
N VAL B 202 34.54 -18.04 6.30
CA VAL B 202 34.29 -17.32 5.06
C VAL B 202 35.49 -16.39 4.86
N THR B 203 36.21 -16.61 3.77
CA THR B 203 37.40 -15.80 3.44
C THR B 203 37.10 -14.64 2.50
N ALA B 204 36.03 -14.78 1.71
CA ALA B 204 35.62 -13.75 0.77
C ALA B 204 35.18 -12.48 1.49
N ASP B 205 35.42 -11.34 0.86
CA ASP B 205 35.07 -10.04 1.42
C ASP B 205 33.57 -9.75 1.27
N LEU B 206 32.79 -10.22 2.24
CA LEU B 206 31.34 -10.05 2.24
C LEU B 206 30.85 -8.61 2.19
N SER B 207 31.74 -7.64 2.45
CA SER B 207 31.35 -6.23 2.43
C SER B 207 31.03 -5.73 1.02
N LEU B 208 31.60 -6.37 0.02
CA LEU B 208 31.40 -6.01 -1.39
C LEU B 208 30.00 -6.37 -1.91
N ALA B 209 29.25 -7.12 -1.11
CA ALA B 209 27.90 -7.55 -1.47
C ALA B 209 26.89 -6.41 -1.50
N LYS B 210 25.87 -6.56 -2.34
CA LYS B 210 24.80 -5.56 -2.47
C LYS B 210 23.55 -6.02 -1.73
N SER B 230 37.17 -9.29 -2.95
CA SER B 230 37.67 -8.98 -4.28
C SER B 230 36.62 -9.31 -5.36
N SER B 231 36.59 -10.56 -5.79
CA SER B 231 35.67 -11.03 -6.81
C SER B 231 34.21 -10.99 -6.39
N ILE B 232 33.41 -10.22 -7.12
CA ILE B 232 31.98 -10.09 -6.83
C ILE B 232 31.27 -11.41 -7.15
N ALA B 233 31.93 -12.25 -7.93
CA ALA B 233 31.38 -13.54 -8.32
C ALA B 233 31.34 -14.51 -7.14
N GLU B 234 32.44 -14.62 -6.41
CA GLU B 234 32.50 -15.53 -5.26
C GLU B 234 31.77 -14.98 -4.04
N VAL B 235 31.62 -13.66 -3.98
CA VAL B 235 30.90 -13.02 -2.87
C VAL B 235 29.45 -13.48 -2.98
N GLN B 236 28.92 -13.52 -4.21
CA GLN B 236 27.56 -13.97 -4.45
C GLN B 236 27.46 -15.44 -4.08
N SER B 237 28.50 -16.21 -4.44
CA SER B 237 28.56 -17.63 -4.17
C SER B 237 28.51 -17.93 -2.68
N GLU B 238 29.23 -17.13 -1.90
CA GLU B 238 29.25 -17.31 -0.45
C GLU B 238 27.90 -16.93 0.15
N ILE B 239 27.34 -15.83 -0.32
CA ILE B 239 26.03 -15.35 0.13
C ILE B 239 25.04 -16.48 -0.10
N GLU B 240 25.08 -17.06 -1.29
CA GLU B 240 24.20 -18.18 -1.66
C GLU B 240 24.49 -19.39 -0.79
N ARG B 241 25.76 -19.62 -0.49
CA ARG B 241 26.16 -20.76 0.32
C ARG B 241 25.62 -20.68 1.75
N ILE B 242 25.66 -19.50 2.36
CA ILE B 242 25.14 -19.40 3.73
C ILE B 242 23.62 -19.44 3.79
N PHE B 243 22.97 -19.02 2.72
CA PHE B 243 21.50 -19.07 2.64
C PHE B 243 21.09 -20.55 2.68
N GLU B 244 21.82 -21.37 1.91
CA GLU B 244 21.55 -22.80 1.85
C GLU B 244 21.78 -23.44 3.23
N LEU B 245 22.87 -23.06 3.90
CA LEU B 245 23.20 -23.58 5.22
C LEU B 245 22.14 -23.29 6.27
N ALA B 246 21.47 -22.15 6.14
CA ALA B 246 20.44 -21.74 7.09
C ALA B 246 19.09 -22.45 6.91
N LYS B 247 18.88 -23.05 5.74
CA LYS B 247 17.63 -23.76 5.42
C LYS B 247 17.29 -24.86 6.41
N SER B 248 18.31 -25.55 6.91
CA SER B 248 18.14 -26.65 7.87
C SER B 248 17.66 -26.18 9.24
N LEU B 249 17.62 -24.86 9.42
CA LEU B 249 17.20 -24.23 10.68
C LEU B 249 18.19 -24.37 11.84
N GLN B 250 19.39 -24.86 11.54
CA GLN B 250 20.42 -24.99 12.56
C GLN B 250 21.11 -23.64 12.70
N LEU B 251 21.68 -23.38 13.88
CA LEU B 251 22.38 -22.13 14.13
C LEU B 251 23.58 -21.98 13.22
N VAL B 252 23.60 -20.91 12.44
CA VAL B 252 24.70 -20.66 11.52
C VAL B 252 25.63 -19.61 12.11
N VAL B 253 26.91 -19.97 12.25
CA VAL B 253 27.91 -19.07 12.78
C VAL B 253 29.05 -18.95 11.78
N LEU B 254 29.35 -17.71 11.40
CA LEU B 254 30.40 -17.45 10.43
C LEU B 254 31.70 -16.97 11.05
N ASP B 255 32.81 -17.45 10.51
CA ASP B 255 34.12 -16.97 10.93
C ASP B 255 34.51 -16.17 9.70
N ALA B 256 33.97 -14.95 9.62
CA ALA B 256 34.20 -14.07 8.49
C ALA B 256 35.49 -13.26 8.65
N ASP B 257 36.55 -13.70 7.99
CA ASP B 257 37.87 -13.10 8.05
C ASP B 257 37.95 -11.58 7.87
N THR B 258 37.17 -11.03 6.95
CA THR B 258 37.23 -9.60 6.65
C THR B 258 36.34 -8.66 7.43
N ILE B 259 35.42 -9.19 8.23
CA ILE B 259 34.49 -8.35 8.97
C ILE B 259 35.00 -7.90 10.36
N ASN B 260 35.45 -6.65 10.43
CA ASN B 260 35.94 -6.06 11.66
C ASN B 260 35.05 -4.90 12.14
N HIS B 261 34.03 -4.58 11.34
CA HIS B 261 33.11 -3.48 11.64
C HIS B 261 31.71 -3.82 11.12
N PRO B 262 30.64 -3.49 11.89
CA PRO B 262 29.24 -3.75 11.53
C PRO B 262 28.81 -3.14 10.19
N ALA B 263 29.29 -1.92 9.92
CA ALA B 263 28.98 -1.21 8.69
C ALA B 263 29.27 -2.02 7.44
N GLN B 264 30.22 -2.92 7.54
CA GLN B 264 30.62 -3.76 6.42
C GLN B 264 29.56 -4.80 6.04
N LEU B 265 28.55 -4.96 6.89
CA LEU B 265 27.49 -5.93 6.61
C LEU B 265 26.09 -5.32 6.61
N ALA B 266 26.00 -4.03 6.90
CA ALA B 266 24.73 -3.32 6.97
C ALA B 266 23.89 -3.40 5.69
N LYS B 267 24.52 -3.23 4.54
CA LYS B 267 23.79 -3.27 3.27
C LYS B 267 23.75 -4.62 2.54
N THR B 268 23.87 -5.71 3.30
CA THR B 268 23.83 -7.05 2.72
C THR B 268 22.50 -7.72 3.04
N SER B 269 22.18 -8.76 2.30
CA SER B 269 20.93 -9.50 2.49
C SER B 269 21.05 -10.58 3.58
N LEU B 270 22.20 -10.62 4.26
CA LEU B 270 22.41 -11.64 5.30
C LEU B 270 21.69 -11.41 6.61
N ALA B 271 21.38 -10.15 6.92
CA ALA B 271 20.70 -9.79 8.18
C ALA B 271 21.40 -10.52 9.33
N PRO B 272 22.73 -10.33 9.45
CA PRO B 272 23.54 -10.98 10.49
C PRO B 272 23.29 -10.57 11.93
N ILE B 273 23.56 -11.52 12.82
CA ILE B 273 23.47 -11.26 14.25
C ILE B 273 24.90 -10.81 14.57
N ILE B 274 25.09 -9.51 14.68
CA ILE B 274 26.40 -8.96 14.96
C ILE B 274 26.71 -9.01 16.45
N VAL B 275 27.80 -9.71 16.79
CA VAL B 275 28.22 -9.85 18.17
C VAL B 275 29.51 -9.07 18.38
N PHE B 276 29.46 -8.08 19.26
CA PHE B 276 30.63 -7.27 19.56
C PHE B 276 31.36 -7.87 20.77
N VAL B 277 32.50 -8.50 20.51
CA VAL B 277 33.31 -9.07 21.58
C VAL B 277 34.10 -7.86 22.08
N LYS B 278 33.62 -7.27 23.16
CA LYS B 278 34.20 -6.04 23.69
C LYS B 278 35.14 -6.12 24.88
N VAL B 279 36.14 -5.24 24.85
CA VAL B 279 37.12 -5.11 25.92
C VAL B 279 36.76 -3.82 26.66
N SER B 280 36.69 -3.89 27.98
CA SER B 280 36.31 -2.75 28.83
C SER B 280 36.87 -1.37 28.54
N SER B 281 38.10 -1.30 28.03
CA SER B 281 38.72 -0.01 27.73
C SER B 281 39.99 -0.15 26.89
N PRO B 282 40.48 0.96 26.32
CA PRO B 282 41.69 0.98 25.49
C PRO B 282 42.92 0.59 26.30
N LYS B 283 42.86 0.81 27.61
CA LYS B 283 43.96 0.47 28.50
C LYS B 283 44.06 -1.06 28.59
N VAL B 284 42.91 -1.71 28.78
CA VAL B 284 42.83 -3.16 28.87
C VAL B 284 43.27 -3.82 27.56
N LEU B 285 42.92 -3.23 26.42
CA LEU B 285 43.30 -3.78 25.13
C LEU B 285 44.81 -3.70 24.94
N GLN B 286 45.40 -2.57 25.36
CA GLN B 286 46.83 -2.37 25.25
C GLN B 286 47.59 -3.37 26.12
N ARG B 287 46.99 -3.72 27.25
CA ARG B 287 47.60 -4.69 28.16
C ARG B 287 47.56 -6.08 27.51
N LEU B 288 46.41 -6.41 26.92
CA LEU B 288 46.24 -7.70 26.25
C LEU B 288 47.27 -7.84 25.13
N ILE B 289 47.43 -6.78 24.34
CA ILE B 289 48.39 -6.79 23.25
C ILE B 289 49.81 -6.91 23.78
N ARG B 290 50.10 -6.17 24.86
CA ARG B 290 51.42 -6.21 25.49
C ARG B 290 51.75 -7.61 25.98
N SER B 291 50.77 -8.27 26.60
CA SER B 291 50.95 -9.61 27.13
C SER B 291 51.35 -10.64 26.06
N ARG B 292 51.05 -10.34 24.80
CA ARG B 292 51.38 -11.25 23.70
C ARG B 292 52.72 -10.95 23.00
N GLY B 293 53.44 -9.93 23.49
CA GLY B 293 54.74 -9.61 22.95
C GLY B 293 54.96 -8.65 21.79
N LYS B 294 56.24 -8.58 21.41
CA LYS B 294 56.75 -7.73 20.34
C LYS B 294 55.97 -7.78 19.02
N SER B 295 55.69 -8.99 18.55
CA SER B 295 54.99 -9.19 17.28
C SER B 295 53.59 -8.59 17.25
N GLN B 296 52.97 -8.45 18.42
CA GLN B 296 51.65 -7.89 18.49
C GLN B 296 51.76 -6.41 18.82
N MSE B 297 52.71 -6.08 19.69
CA MSE B 297 52.93 -4.71 20.10
C MSE B 297 53.33 -3.85 18.90
O MSE B 297 53.03 -2.66 18.84
CB MSE B 297 54.01 -4.66 21.20
CG MSE B 297 53.87 -3.49 22.14
SE MSE B 297 52.17 -3.49 23.05
CE MSE B 297 52.46 -1.94 24.15
N LYS B 298 54.00 -4.48 17.93
CA LYS B 298 54.45 -3.84 16.71
C LYS B 298 53.29 -3.14 15.99
N HIS B 299 52.13 -3.80 16.00
CA HIS B 299 50.92 -3.28 15.35
C HIS B 299 49.93 -2.71 16.36
N LEU B 300 50.45 -2.08 17.41
CA LEU B 300 49.63 -1.48 18.47
C LEU B 300 48.66 -0.43 17.96
N THR B 301 49.14 0.44 17.07
CA THR B 301 48.32 1.53 16.54
C THR B 301 47.12 1.07 15.70
N VAL B 302 47.35 0.23 14.70
CA VAL B 302 46.26 -0.24 13.86
C VAL B 302 45.17 -0.95 14.64
N GLN B 303 45.56 -1.74 15.64
CA GLN B 303 44.60 -2.46 16.46
C GLN B 303 43.81 -1.50 17.34
N MSE B 304 45.02 0.75 18.50
CA MSE B 304 43.77 1.04 19.17
C MSE B 304 42.70 1.58 18.22
O MSE B 304 41.54 1.74 18.60
CB MSE B 304 44.01 2.05 20.31
CG MSE B 304 45.10 1.63 21.29
SE MSE B 304 44.72 0.05 22.31
CE MSE B 304 45.57 -1.25 21.18
N MSE B 305 43.08 1.79 16.96
CA MSE B 305 42.18 2.33 15.94
C MSE B 305 40.95 1.50 15.62
O MSE B 305 39.83 2.03 15.66
CB MSE B 305 42.94 2.67 14.65
CG MSE B 305 44.00 3.74 14.85
SE MSE B 305 44.60 4.54 13.18
CE MSE B 305 45.91 3.21 12.64
N ALA B 306 41.13 0.22 15.32
CA ALA B 306 40.00 -0.65 15.01
C ALA B 306 39.07 -0.73 16.21
N TYR B 307 39.67 -0.75 17.40
CA TYR B 307 38.92 -0.79 18.65
C TYR B 307 38.14 0.51 18.84
N ASP B 308 38.79 1.63 18.52
CA ASP B 308 38.17 2.93 18.64
C ASP B 308 36.91 3.04 17.78
N LYS B 309 37.04 2.68 16.51
CA LYS B 309 35.92 2.74 15.57
C LYS B 309 34.73 1.91 16.06
N LEU B 310 35.02 0.76 16.67
CA LEU B 310 33.98 -0.12 17.17
C LEU B 310 33.21 0.47 18.34
N VAL B 311 33.93 1.07 19.29
CA VAL B 311 33.34 1.67 20.47
C VAL B 311 32.50 2.91 20.11
N GLN B 312 32.84 3.54 18.99
CA GLN B 312 32.13 4.73 18.52
C GLN B 312 30.75 4.36 17.95
N CYS B 313 30.63 3.13 17.46
CA CYS B 313 29.37 2.65 16.89
C CYS B 313 28.22 2.70 17.88
N PRO B 314 27.03 3.12 17.40
CA PRO B 314 25.83 3.21 18.24
C PRO B 314 25.49 1.80 18.73
N PRO B 315 25.07 1.67 19.99
CA PRO B 315 24.72 0.37 20.57
C PRO B 315 23.82 -0.50 19.69
N GLU B 316 22.87 0.14 19.01
CA GLU B 316 21.93 -0.57 18.14
C GLU B 316 22.60 -1.13 16.89
N SER B 317 23.83 -0.72 16.63
CA SER B 317 24.58 -1.20 15.48
C SER B 317 24.98 -2.67 15.70
N PHE B 318 24.92 -3.10 16.96
CA PHE B 318 25.25 -4.47 17.34
C PHE B 318 23.99 -5.16 17.86
N ASP B 319 23.89 -6.47 17.65
CA ASP B 319 22.74 -7.21 18.14
C ASP B 319 23.01 -7.69 19.56
N VAL B 320 24.27 -8.04 19.82
CA VAL B 320 24.71 -8.50 21.12
C VAL B 320 26.04 -7.83 21.45
N ILE B 321 26.20 -7.42 22.70
CA ILE B 321 27.43 -6.78 23.15
C ILE B 321 27.91 -7.52 24.39
N LEU B 322 29.15 -8.01 24.34
CA LEU B 322 29.72 -8.74 25.47
C LEU B 322 30.55 -7.78 26.33
N ASP B 323 29.89 -7.23 27.36
CA ASP B 323 30.51 -6.27 28.28
C ASP B 323 31.41 -6.93 29.33
N GLU B 324 30.94 -8.03 29.91
CA GLU B 324 31.70 -8.73 30.95
C GLU B 324 33.10 -9.12 30.49
N ASN B 325 34.09 -8.79 31.31
CA ASN B 325 35.49 -9.09 30.98
C ASN B 325 35.84 -10.57 31.00
N GLN B 326 35.27 -11.33 31.93
CA GLN B 326 35.53 -12.76 32.01
C GLN B 326 34.89 -13.54 30.85
N LEU B 327 35.74 -14.18 30.05
CA LEU B 327 35.34 -14.95 28.88
C LEU B 327 34.32 -16.04 29.18
N ASP B 328 34.47 -16.70 30.32
CA ASP B 328 33.56 -17.78 30.73
C ASP B 328 32.13 -17.27 30.92
N ASP B 329 32.00 -16.03 31.39
CA ASP B 329 30.70 -15.43 31.61
C ASP B 329 30.11 -14.86 30.31
N ALA B 330 30.98 -14.26 29.48
CA ALA B 330 30.57 -13.69 28.21
C ALA B 330 30.01 -14.82 27.34
N CYS B 331 30.60 -16.00 27.47
CA CYS B 331 30.16 -17.18 26.74
C CYS B 331 28.72 -17.52 27.08
N GLU B 332 28.38 -17.43 28.37
CA GLU B 332 27.02 -17.73 28.83
C GLU B 332 26.05 -16.66 28.34
N HIS B 333 26.52 -15.42 28.27
CA HIS B 333 25.72 -14.31 27.81
C HIS B 333 25.31 -14.59 26.36
N LEU B 334 26.30 -14.83 25.51
CA LEU B 334 26.05 -15.14 24.10
C LEU B 334 25.25 -16.44 24.00
N ALA B 335 25.48 -17.36 24.93
CA ALA B 335 24.79 -18.63 24.93
C ALA B 335 23.30 -18.50 25.20
N GLU B 336 22.93 -17.65 26.17
CA GLU B 336 21.52 -17.45 26.50
C GLU B 336 20.80 -16.80 25.34
N TYR B 337 21.47 -15.85 24.69
CA TYR B 337 20.91 -15.15 23.55
C TYR B 337 20.58 -16.14 22.44
N LEU B 338 21.57 -16.94 22.05
CA LEU B 338 21.36 -17.92 21.01
C LEU B 338 20.36 -18.97 21.47
N GLU B 339 20.27 -19.19 22.78
CA GLU B 339 19.33 -20.17 23.33
C GLU B 339 17.90 -19.65 23.13
N VAL B 340 17.72 -18.34 23.34
CA VAL B 340 16.42 -17.69 23.16
C VAL B 340 16.06 -17.70 21.67
N TYR B 341 17.04 -17.38 20.82
CA TYR B 341 16.85 -17.34 19.38
C TYR B 341 16.47 -18.71 18.83
N TRP B 342 17.09 -19.75 19.37
CA TRP B 342 16.80 -21.11 18.95
C TRP B 342 15.33 -21.45 19.18
N ARG B 343 14.82 -21.04 20.34
CA ARG B 343 13.42 -21.27 20.71
C ARG B 343 12.51 -20.40 19.86
N ALA B 344 12.98 -19.19 19.56
CA ALA B 344 12.22 -18.24 18.74
C ALA B 344 12.08 -18.74 17.30
N THR B 345 13.08 -19.47 16.84
CA THR B 345 13.09 -20.00 15.47
C THR B 345 12.56 -21.42 15.37
N HIS B 346 12.45 -22.09 16.51
CA HIS B 346 11.95 -23.47 16.55
C HIS B 346 10.65 -23.56 17.34
N HIS B 347 10.64 -23.16 18.52
#